data_1EYB
#
_entry.id   1EYB
#
_cell.length_a   158.380
_cell.length_b   158.380
_cell.length_c   93.459
_cell.angle_alpha   90.
_cell.angle_beta   90.
_cell.angle_gamma   120.
#
_symmetry.space_group_name_H-M   'P 63 2 2'
#
loop_
_entity.id
_entity.type
_entity.pdbx_description
1 polymer 'HOMOGENTISATE 1,2-DIOXYGENASE'
2 water water
#
_entity_poly.entity_id   1
_entity_poly.type   'polypeptide(L)'
_entity_poly.pdbx_seq_one_letter_code
;(MSE)GHHHHHHHHHHSSGHIDDDDKH(MSE)GS(MSE)AELKYISGFGNECSSEDPRCPGSLPEGQNNPQVCPYNLYAE
QLSGSAFTCPRSTNKRSWLYRILPSVSHKPFESIDEGHVTHNWDEVDPDPNQLRWKPFEIPKASQKKVDFVSGLHTLCGA
GDIKSNNGLAIHIFLCNTS(MSE)ENRCFYNSDGDFLIVPQKGNLLIYTEFGK(MSE)LVQPNEICVIQRG(MSE)RFSI
DVFEETRGYILEVYGVHFELPDLGPIGANGLANPRDFLIPIAWYEDRQVPGGYTVINKYQGKLFAAKQDVSPFNVVAWHG
NYTPYKYNLKNF(MSE)VINSVAFDHADPSIFTVLTAKSVRPGVAIADFVIFPPRWGVADKTFRPPYYHRNC(MSE)SEF
(MSE)GLIRGHYEAKQGGFLPGGGSLHST(MSE)TPHGPDADCFEKASKVKLAPERIADGT(MSE)AF(MSE)FESSLSL
AVTKWGLKASRCLDENYHKCWEPLKSHFTPNSRNPAEPN
;
_entity_poly.pdbx_strand_id   A
#
# COMPACT_ATOMS: atom_id res chain seq x y z
N ALA A 28 17.50 0.02 18.86
CA ALA A 28 16.42 -0.69 19.62
C ALA A 28 15.37 -1.19 18.63
N GLU A 29 15.00 -2.47 18.71
CA GLU A 29 13.97 -2.96 17.80
C GLU A 29 12.61 -2.51 18.31
N LEU A 30 11.79 -2.02 17.38
CA LEU A 30 10.46 -1.49 17.73
C LEU A 30 9.54 -2.60 18.19
N LYS A 31 8.61 -2.27 19.08
CA LYS A 31 7.56 -3.18 19.51
C LYS A 31 6.25 -2.83 18.83
N TYR A 32 5.34 -3.79 18.71
CA TYR A 32 4.10 -3.57 18.00
C TYR A 32 2.92 -4.22 18.73
N ILE A 33 1.72 -3.73 18.47
CA ILE A 33 0.47 -4.37 18.82
C ILE A 33 0.00 -5.18 17.60
N SER A 34 -0.85 -6.17 17.74
CA SER A 34 -1.25 -6.95 16.55
C SER A 34 -2.76 -7.11 16.47
N GLY A 35 -3.29 -7.37 15.28
CA GLY A 35 -4.70 -7.73 15.12
C GLY A 35 -5.41 -6.76 14.18
N PHE A 36 -5.44 -7.08 12.90
CA PHE A 36 -6.11 -6.22 11.92
C PHE A 36 -7.52 -5.84 12.38
N GLY A 37 -7.88 -4.57 12.33
CA GLY A 37 -9.22 -4.10 12.63
C GLY A 37 -9.50 -3.94 14.11
N ASN A 38 -8.50 -4.24 14.96
CA ASN A 38 -8.72 -4.22 16.40
C ASN A 38 -9.10 -2.85 16.91
N GLU A 39 -9.89 -2.80 17.99
CA GLU A 39 -9.96 -1.64 18.85
C GLU A 39 -8.79 -1.63 19.83
N CYS A 40 -7.78 -0.82 19.54
CA CYS A 40 -6.55 -0.89 20.33
C CYS A 40 -6.52 0.20 21.38
N SER A 41 -5.63 0.04 22.36
CA SER A 41 -5.36 1.04 23.37
C SER A 41 -3.84 1.07 23.57
N SER A 42 -3.24 2.23 23.49
CA SER A 42 -1.78 2.31 23.60
C SER A 42 -1.38 3.59 24.33
N GLU A 43 -0.48 3.44 25.29
CA GLU A 43 0.02 4.63 26.01
C GLU A 43 1.55 4.63 25.89
N ASP A 44 2.15 5.78 25.70
CA ASP A 44 3.63 5.84 25.78
C ASP A 44 4.04 5.40 27.18
N PRO A 45 5.00 4.49 27.30
CA PRO A 45 5.36 3.91 28.58
C PRO A 45 5.89 4.94 29.56
N ARG A 46 6.27 6.12 29.07
CA ARG A 46 6.71 7.18 29.99
C ARG A 46 5.56 7.81 30.77
N CYS A 47 4.33 7.63 30.31
CA CYS A 47 3.18 8.29 30.92
C CYS A 47 2.02 7.30 31.07
N PRO A 48 2.18 6.34 31.97
CA PRO A 48 1.16 5.36 32.27
C PRO A 48 -0.14 6.03 32.71
N GLY A 49 -1.25 5.50 32.20
CA GLY A 49 -2.56 6.03 32.50
C GLY A 49 -2.83 7.37 31.82
N SER A 50 -2.23 7.61 30.67
CA SER A 50 -2.53 8.80 29.86
C SER A 50 -3.84 8.65 29.09
N LEU A 51 -4.37 7.43 28.96
CA LEU A 51 -5.76 7.30 28.46
C LEU A 51 -6.76 7.62 29.56
N PRO A 52 -7.77 8.41 29.25
CA PRO A 52 -8.87 8.64 30.18
C PRO A 52 -9.53 7.31 30.52
N GLU A 53 -9.82 7.14 31.81
CA GLU A 53 -10.48 5.92 32.28
C GLU A 53 -11.98 6.00 32.04
N GLY A 54 -12.54 5.05 31.29
CA GLY A 54 -13.99 4.94 31.24
C GLY A 54 -14.70 6.01 30.45
N GLN A 55 -13.98 6.84 29.70
CA GLN A 55 -14.60 7.86 28.86
C GLN A 55 -13.61 8.36 27.80
N ASN A 56 -14.06 9.17 26.85
CA ASN A 56 -13.18 9.71 25.84
C ASN A 56 -12.92 11.21 26.06
N ASN A 57 -13.84 11.88 26.75
CA ASN A 57 -13.87 13.33 26.72
C ASN A 57 -13.91 13.95 28.12
N PRO A 58 -12.89 13.70 28.92
CA PRO A 58 -12.80 14.29 30.24
C PRO A 58 -12.72 15.81 30.18
N GLN A 59 -13.18 16.50 31.23
CA GLN A 59 -13.04 17.96 31.28
C GLN A 59 -11.55 18.33 31.16
N VAL A 60 -10.72 17.66 31.93
CA VAL A 60 -9.27 17.78 31.79
C VAL A 60 -8.70 16.38 31.60
N CYS A 61 -7.96 16.15 30.52
CA CYS A 61 -7.37 14.85 30.27
C CYS A 61 -6.19 14.58 31.20
N PRO A 62 -5.93 13.31 31.47
CA PRO A 62 -4.72 12.90 32.20
C PRO A 62 -3.50 13.59 31.60
N TYR A 63 -2.62 14.07 32.47
CA TYR A 63 -1.40 14.75 32.07
C TYR A 63 -1.68 16.07 31.38
N ASN A 64 -2.89 16.58 31.45
CA ASN A 64 -3.29 17.82 30.81
C ASN A 64 -3.11 17.78 29.29
N LEU A 65 -3.44 16.63 28.71
CA LEU A 65 -3.40 16.53 27.24
C LEU A 65 -4.70 17.02 26.62
N TYR A 66 -4.73 17.12 25.30
CA TYR A 66 -5.95 17.45 24.56
C TYR A 66 -6.53 16.18 23.91
N ALA A 67 -7.85 16.03 23.89
CA ALA A 67 -8.47 14.90 23.18
C ALA A 67 -8.76 15.31 21.73
N GLU A 68 -8.46 14.42 20.78
CA GLU A 68 -8.71 14.74 19.39
C GLU A 68 -9.18 13.47 18.69
N GLN A 69 -10.31 13.55 18.00
CA GLN A 69 -10.80 12.36 17.30
C GLN A 69 -10.38 12.45 15.84
N LEU A 70 -9.81 11.36 15.35
CA LEU A 70 -9.61 11.20 13.92
C LEU A 70 -10.62 10.18 13.39
N SER A 71 -11.59 10.65 12.61
CA SER A 71 -12.60 9.74 12.06
C SER A 71 -12.16 9.23 10.69
N GLY A 72 -12.20 7.92 10.44
CA GLY A 72 -11.88 7.37 9.15
C GLY A 72 -13.13 6.87 8.41
N SER A 73 -14.30 7.11 8.99
CA SER A 73 -15.55 6.75 8.30
C SER A 73 -16.64 7.75 8.68
N ALA A 74 -17.73 7.78 7.92
CA ALA A 74 -18.90 8.55 8.36
C ALA A 74 -19.24 8.12 9.78
N PHE A 75 -19.88 9.02 10.55
CA PHE A 75 -20.25 8.69 11.92
C PHE A 75 -21.23 7.52 12.00
N THR A 76 -22.13 7.42 11.05
CA THR A 76 -23.22 6.43 11.14
C THR A 76 -22.98 5.11 10.45
N CYS A 77 -21.74 4.75 10.11
CA CYS A 77 -21.45 3.42 9.57
C CYS A 77 -21.79 2.36 10.59
N PRO A 78 -22.26 1.20 10.12
CA PRO A 78 -22.40 0.03 10.98
C PRO A 78 -21.09 -0.24 11.71
N ARG A 79 -21.17 -0.90 12.85
CA ARG A 79 -19.97 -1.08 13.68
C ARG A 79 -18.82 -1.76 12.96
N SER A 80 -19.11 -2.75 12.12
CA SER A 80 -18.00 -3.49 11.50
C SER A 80 -17.22 -2.60 10.56
N THR A 81 -17.80 -1.47 10.12
CA THR A 81 -17.05 -0.59 9.22
C THR A 81 -16.88 0.82 9.77
N ASN A 82 -17.24 1.06 11.01
CA ASN A 82 -17.12 2.38 11.63
C ASN A 82 -15.71 2.58 12.15
N LYS A 83 -14.98 3.59 11.67
CA LYS A 83 -13.54 3.65 11.96
C LYS A 83 -13.20 4.98 12.62
N ARG A 84 -12.58 4.93 13.80
CA ARG A 84 -12.12 6.18 14.42
C ARG A 84 -11.08 5.89 15.48
N SER A 85 -10.27 6.90 15.77
CA SER A 85 -9.32 6.80 16.87
C SER A 85 -9.31 8.11 17.66
N TRP A 86 -9.09 7.97 18.96
CA TRP A 86 -8.95 9.17 19.82
C TRP A 86 -7.46 9.36 20.16
N LEU A 87 -6.96 10.56 20.00
CA LEU A 87 -5.56 10.88 20.25
C LEU A 87 -5.46 11.83 21.43
N TYR A 88 -4.58 11.53 22.39
CA TYR A 88 -4.41 12.36 23.59
C TYR A 88 -3.02 12.99 23.49
N ARG A 89 -3.02 14.26 23.08
CA ARG A 89 -1.84 14.87 22.47
C ARG A 89 -1.49 16.18 23.16
N ILE A 90 -0.21 16.56 23.01
CA ILE A 90 0.29 17.74 23.72
C ILE A 90 -0.33 19.02 23.19
N LEU A 91 -0.46 19.13 21.88
CA LEU A 91 -1.19 20.22 21.23
C LEU A 91 -2.06 19.61 20.11
N PRO A 92 -3.27 20.10 19.95
CA PRO A 92 -4.18 19.64 18.92
C PRO A 92 -3.69 20.02 17.53
N SER A 93 -4.26 19.35 16.53
CA SER A 93 -3.74 19.50 15.16
C SER A 93 -4.13 20.85 14.57
N VAL A 94 -5.14 21.51 15.15
CA VAL A 94 -5.59 22.79 14.66
C VAL A 94 -4.52 23.88 14.77
N SER A 95 -3.58 23.66 15.67
CA SER A 95 -2.55 24.67 15.92
C SER A 95 -1.53 24.70 14.80
N HIS A 96 -1.88 25.37 13.71
CA HIS A 96 -0.99 25.48 12.56
C HIS A 96 -1.37 26.72 11.74
N LYS A 97 -0.46 27.17 10.90
CA LYS A 97 -0.73 28.32 10.06
C LYS A 97 -1.46 27.88 8.78
N PRO A 98 -1.92 28.81 7.98
CA PRO A 98 -2.70 28.52 6.79
C PRO A 98 -1.94 27.78 5.71
N PHE A 99 -2.65 26.93 4.94
CA PHE A 99 -2.00 26.19 3.88
C PHE A 99 -1.65 27.10 2.70
N GLU A 100 -0.52 26.79 2.07
CA GLU A 100 -0.09 27.47 0.85
C GLU A 100 0.19 26.42 -0.21
N SER A 101 -0.10 26.76 -1.46
CA SER A 101 0.13 25.86 -2.57
C SER A 101 1.63 25.64 -2.79
N ILE A 102 2.04 24.40 -2.98
CA ILE A 102 3.42 24.11 -3.37
C ILE A 102 3.45 23.30 -4.66
N ASP A 103 4.61 23.23 -5.31
CA ASP A 103 4.65 22.58 -6.63
C ASP A 103 4.42 21.09 -6.47
N GLU A 104 3.66 20.48 -7.38
CA GLU A 104 3.24 19.10 -7.23
C GLU A 104 4.28 18.11 -7.75
N GLY A 105 5.38 18.66 -8.29
CA GLY A 105 6.46 17.80 -8.79
C GLY A 105 5.89 16.78 -9.76
N HIS A 106 6.07 15.50 -9.46
CA HIS A 106 5.53 14.48 -10.36
C HIS A 106 4.35 13.73 -9.77
N VAL A 107 3.70 14.30 -8.75
CA VAL A 107 2.40 13.81 -8.33
C VAL A 107 1.29 14.37 -9.22
N THR A 108 0.54 13.51 -9.92
CA THR A 108 -0.46 13.95 -10.87
C THR A 108 -1.63 12.97 -10.88
N HIS A 109 -2.79 13.46 -11.27
CA HIS A 109 -3.98 12.64 -11.44
C HIS A 109 -4.70 12.89 -12.77
N ASN A 110 -4.02 13.52 -13.72
CA ASN A 110 -4.67 13.85 -14.99
C ASN A 110 -4.47 12.67 -15.93
N TRP A 111 -5.46 11.77 -15.86
CA TRP A 111 -5.38 10.55 -16.68
C TRP A 111 -5.77 10.89 -18.12
N ASP A 112 -6.36 12.06 -18.30
CA ASP A 112 -6.81 12.58 -19.58
C ASP A 112 -5.71 13.32 -20.33
N GLU A 113 -4.52 13.46 -19.74
CA GLU A 113 -3.39 14.04 -20.47
C GLU A 113 -2.92 13.16 -21.61
N VAL A 114 -3.08 11.85 -21.51
CA VAL A 114 -2.39 10.94 -22.44
C VAL A 114 -3.39 10.05 -23.17
N ASP A 115 -3.13 9.77 -24.45
CA ASP A 115 -4.11 9.01 -25.22
C ASP A 115 -4.10 7.55 -24.79
N PRO A 116 -5.28 6.95 -24.77
CA PRO A 116 -5.44 5.54 -24.47
C PRO A 116 -4.57 4.67 -25.37
N ASP A 117 -4.06 3.58 -24.84
CA ASP A 117 -3.24 2.64 -25.58
C ASP A 117 -3.29 1.29 -24.87
N PRO A 118 -3.83 0.28 -25.52
CA PRO A 118 -4.02 -1.02 -24.90
C PRO A 118 -2.75 -1.85 -24.85
N ASN A 119 -1.68 -1.44 -25.54
CA ASN A 119 -0.48 -2.26 -25.54
C ASN A 119 0.18 -2.32 -24.16
N GLN A 120 0.72 -3.49 -23.84
CA GLN A 120 1.46 -3.67 -22.59
C GLN A 120 2.60 -2.66 -22.51
N LEU A 121 2.83 -2.11 -21.34
CA LEU A 121 3.96 -1.26 -21.02
C LEU A 121 4.89 -1.97 -20.05
N ARG A 122 6.19 -1.74 -20.19
CA ARG A 122 7.17 -2.34 -19.27
C ARG A 122 8.15 -1.27 -18.79
N TRP A 123 8.64 -1.42 -17.57
CA TRP A 123 9.59 -0.50 -17.00
C TRP A 123 10.79 -1.26 -16.45
N LYS A 124 11.99 -0.77 -16.77
CA LYS A 124 13.19 -1.22 -16.05
C LYS A 124 13.14 -0.62 -14.66
N PRO A 125 13.92 -1.14 -13.74
CA PRO A 125 13.98 -0.61 -12.38
C PRO A 125 14.16 0.90 -12.37
N PHE A 126 13.19 1.61 -11.80
CA PHE A 126 13.15 3.07 -11.89
C PHE A 126 14.44 3.70 -11.35
N GLU A 127 14.95 4.71 -12.04
CA GLU A 127 16.23 5.30 -11.66
C GLU A 127 16.11 6.07 -10.35
N ILE A 128 16.99 5.82 -9.38
CA ILE A 128 16.99 6.56 -8.12
C ILE A 128 18.03 7.67 -8.17
N PRO A 129 17.65 8.89 -7.83
CA PRO A 129 18.58 10.00 -7.75
C PRO A 129 19.70 9.77 -6.75
N LYS A 130 20.92 10.12 -7.13
CA LYS A 130 22.07 10.00 -6.25
C LYS A 130 22.13 11.16 -5.27
N ALA A 131 22.37 10.90 -3.99
CA ALA A 131 22.41 11.98 -3.00
C ALA A 131 23.43 13.04 -3.40
N SER A 132 24.51 12.61 -4.03
CA SER A 132 25.58 13.51 -4.44
C SER A 132 25.14 14.48 -5.53
N GLN A 133 24.05 14.16 -6.22
CA GLN A 133 23.58 15.02 -7.30
C GLN A 133 22.45 15.91 -6.81
N LYS A 134 21.50 15.29 -6.11
CA LYS A 134 20.36 16.01 -5.56
C LYS A 134 19.77 15.26 -4.37
N LYS A 135 19.65 15.96 -3.25
CA LYS A 135 18.99 15.39 -2.08
C LYS A 135 17.48 15.36 -2.33
N VAL A 136 16.90 14.19 -2.20
CA VAL A 136 15.47 14.02 -2.47
C VAL A 136 14.84 13.22 -1.35
N ASP A 137 13.85 13.77 -0.66
CA ASP A 137 13.20 12.96 0.39
C ASP A 137 12.00 12.23 -0.22
N PHE A 138 11.32 11.44 0.60
CA PHE A 138 10.23 10.61 0.07
C PHE A 138 9.17 11.44 -0.63
N VAL A 139 8.79 12.59 -0.09
CA VAL A 139 7.72 13.36 -0.73
C VAL A 139 8.20 13.95 -2.05
N SER A 140 9.39 14.53 -2.05
CA SER A 140 9.97 15.04 -3.29
C SER A 140 10.16 13.96 -4.34
N GLY A 141 10.35 12.70 -3.97
CA GLY A 141 10.62 11.65 -4.94
C GLY A 141 9.42 10.81 -5.32
N LEU A 142 8.23 11.35 -5.08
CA LEU A 142 6.98 10.65 -5.41
C LEU A 142 6.65 10.84 -6.89
N HIS A 143 6.50 9.77 -7.66
CA HIS A 143 6.14 9.92 -9.06
C HIS A 143 4.91 9.05 -9.38
N THR A 144 3.85 9.69 -9.82
CA THR A 144 2.65 8.94 -10.17
C THR A 144 2.85 8.26 -11.52
N LEU A 145 2.69 6.95 -11.57
CA LEU A 145 2.92 6.16 -12.76
C LEU A 145 1.68 6.00 -13.63
N CYS A 146 0.55 5.75 -12.95
CA CYS A 146 -0.70 5.49 -13.64
C CYS A 146 -1.86 5.53 -12.63
N GLY A 147 -3.08 5.51 -13.17
CA GLY A 147 -4.27 5.60 -12.32
C GLY A 147 -5.54 5.67 -13.16
N ALA A 148 -6.65 5.87 -12.47
CA ALA A 148 -7.96 5.86 -13.12
C ALA A 148 -8.96 6.44 -12.13
N GLY A 149 -10.02 7.03 -12.68
CA GLY A 149 -11.12 7.50 -11.84
C GLY A 149 -10.96 9.01 -11.64
N ASP A 150 -11.98 9.62 -11.08
CA ASP A 150 -12.02 11.06 -10.88
C ASP A 150 -11.74 11.36 -9.40
N ILE A 151 -10.54 11.86 -9.13
CA ILE A 151 -10.15 12.13 -7.74
C ILE A 151 -11.09 13.15 -7.13
N LYS A 152 -11.64 14.04 -7.98
CA LYS A 152 -12.52 15.10 -7.50
C LYS A 152 -13.87 14.56 -7.06
N SER A 153 -14.24 13.36 -7.53
CA SER A 153 -15.38 12.65 -6.99
C SER A 153 -15.01 11.53 -6.02
N ASN A 154 -13.77 11.51 -5.54
CA ASN A 154 -13.39 10.56 -4.49
C ASN A 154 -13.49 9.12 -4.98
N ASN A 155 -13.15 8.90 -6.25
CA ASN A 155 -13.43 7.62 -6.90
C ASN A 155 -12.28 7.23 -7.82
N GLY A 156 -11.60 6.13 -7.52
CA GLY A 156 -10.49 5.75 -8.41
C GLY A 156 -9.28 5.33 -7.57
N LEU A 157 -8.13 5.32 -8.23
CA LEU A 157 -6.92 4.81 -7.64
C LEU A 157 -5.74 5.39 -8.42
N ALA A 158 -4.57 5.36 -7.81
CA ALA A 158 -3.35 5.77 -8.50
C ALA A 158 -2.21 4.87 -8.04
N ILE A 159 -1.22 4.65 -8.91
CA ILE A 159 -0.03 3.89 -8.51
C ILE A 159 1.14 4.87 -8.58
N HIS A 160 1.92 4.95 -7.50
CA HIS A 160 3.05 5.87 -7.48
C HIS A 160 4.35 5.07 -7.26
N ILE A 161 5.46 5.65 -7.71
CA ILE A 161 6.79 5.11 -7.41
C ILE A 161 7.50 6.17 -6.57
N PHE A 162 8.12 5.75 -5.47
CA PHE A 162 8.94 6.71 -4.72
C PHE A 162 10.42 6.40 -4.98
N LEU A 163 11.15 7.47 -5.23
CA LEU A 163 12.57 7.41 -5.55
C LEU A 163 13.28 8.50 -4.76
N CYS A 164 13.95 8.09 -3.68
CA CYS A 164 14.50 9.09 -2.78
C CYS A 164 15.83 8.63 -2.19
N ASN A 165 16.48 9.53 -1.47
CA ASN A 165 17.81 9.21 -0.94
C ASN A 165 18.11 9.90 0.37
N THR A 166 17.18 10.70 0.90
CA THR A 166 17.41 11.41 2.15
C THR A 166 16.15 11.37 3.02
N SER A 167 16.31 11.26 4.32
CA SER A 167 15.19 11.27 5.24
C SER A 167 14.41 12.57 5.19
N GLU A 169 13.03 15.76 6.79
CA GLU A 169 13.52 16.56 7.90
C GLU A 169 12.55 17.66 8.27
N ASN A 170 12.00 17.60 9.48
CA ASN A 170 11.05 18.61 9.94
C ASN A 170 9.90 18.81 8.96
N ARG A 171 9.50 17.70 8.31
CA ARG A 171 8.25 17.78 7.56
C ARG A 171 7.58 16.41 7.49
N CYS A 172 6.24 16.49 7.42
CA CYS A 172 5.47 15.25 7.32
C CYS A 172 4.53 15.39 6.13
N PHE A 173 3.85 14.29 5.86
CA PHE A 173 2.87 14.25 4.76
C PHE A 173 1.56 13.68 5.27
N TYR A 174 0.43 14.15 4.75
CA TYR A 174 -0.81 13.38 4.91
C TYR A 174 -1.67 13.53 3.65
N ASN A 175 -2.49 12.50 3.46
CA ASN A 175 -3.31 12.41 2.25
C ASN A 175 -4.76 12.70 2.61
N SER A 176 -5.31 13.79 2.08
CA SER A 176 -6.73 14.07 2.34
C SER A 176 -7.63 13.27 1.40
N ASP A 177 -7.09 12.57 0.42
CA ASP A 177 -7.90 11.94 -0.62
C ASP A 177 -8.19 10.47 -0.41
N GLY A 178 -7.27 9.76 0.24
CA GLY A 178 -7.38 8.31 0.32
C GLY A 178 -6.24 7.65 1.08
N ASP A 179 -6.09 6.35 0.88
CA ASP A 179 -5.19 5.51 1.66
C ASP A 179 -4.01 5.09 0.80
N PHE A 180 -2.86 4.86 1.42
CA PHE A 180 -1.66 4.42 0.74
C PHE A 180 -1.24 3.03 1.20
N LEU A 181 -1.08 2.12 0.26
CA LEU A 181 -0.42 0.85 0.54
C LEU A 181 1.01 0.94 0.02
N ILE A 182 1.97 0.90 0.92
CA ILE A 182 3.37 1.18 0.55
C ILE A 182 4.13 -0.13 0.50
N VAL A 183 4.90 -0.33 -0.56
CA VAL A 183 5.62 -1.57 -0.81
C VAL A 183 7.09 -1.25 -1.08
N PRO A 184 7.92 -1.33 -0.06
CA PRO A 184 9.35 -1.08 -0.21
C PRO A 184 9.97 -2.06 -1.19
N GLN A 185 10.94 -1.63 -1.98
CA GLN A 185 11.61 -2.58 -2.87
C GLN A 185 13.10 -2.58 -2.56
N LYS A 186 13.70 -1.40 -2.67
CA LYS A 186 15.08 -1.22 -2.23
C LYS A 186 15.14 -0.20 -1.09
N GLY A 187 15.63 -0.64 0.05
CA GLY A 187 15.85 0.23 1.20
C GLY A 187 14.74 0.10 2.24
N ASN A 188 15.13 0.14 3.51
CA ASN A 188 14.16 0.15 4.60
C ASN A 188 13.53 1.53 4.77
N LEU A 189 12.29 1.55 5.27
CA LEU A 189 11.64 2.81 5.60
C LEU A 189 11.43 2.86 7.12
N LEU A 190 11.93 3.89 7.78
CA LEU A 190 11.54 4.09 9.19
C LEU A 190 10.45 5.15 9.23
N ILE A 191 9.24 4.73 9.54
CA ILE A 191 8.08 5.61 9.39
C ILE A 191 7.60 6.11 10.74
N TYR A 192 7.52 7.44 10.89
CA TYR A 192 6.95 8.04 12.08
C TYR A 192 5.47 8.32 11.80
N THR A 193 4.58 7.87 12.69
CA THR A 193 3.18 8.30 12.55
C THR A 193 2.73 8.86 13.89
N GLU A 194 1.54 9.44 13.93
CA GLU A 194 1.02 9.94 15.20
C GLU A 194 0.78 8.80 16.16
N PHE A 195 0.61 7.60 15.64
CA PHE A 195 0.32 6.43 16.47
C PHE A 195 1.58 5.71 16.95
N GLY A 196 2.75 6.14 16.46
CA GLY A 196 3.97 5.41 16.77
C GLY A 196 4.79 5.12 15.54
N LYS A 197 5.89 4.40 15.71
CA LYS A 197 6.84 4.19 14.63
C LYS A 197 6.66 2.80 14.02
N LEU A 199 9.10 0.23 11.36
CA LEU A 199 10.19 -0.06 10.43
C LEU A 199 9.66 -1.03 9.37
N VAL A 200 9.70 -0.62 8.11
CA VAL A 200 9.11 -1.44 7.06
C VAL A 200 10.21 -1.80 6.05
N GLN A 201 10.52 -3.08 5.96
CA GLN A 201 11.55 -3.58 5.06
C GLN A 201 10.95 -4.15 3.79
N PRO A 202 11.74 -4.17 2.72
CA PRO A 202 11.40 -4.95 1.54
C PRO A 202 10.95 -6.35 1.94
N ASN A 203 9.87 -6.83 1.37
CA ASN A 203 9.13 -8.02 1.66
C ASN A 203 8.05 -7.78 2.72
N GLU A 204 8.01 -6.56 3.27
CA GLU A 204 6.92 -6.12 4.12
C GLU A 204 6.13 -5.02 3.39
N ILE A 205 4.89 -4.86 3.83
CA ILE A 205 4.10 -3.73 3.34
C ILE A 205 3.57 -2.96 4.54
N CYS A 206 3.15 -1.72 4.29
CA CYS A 206 2.42 -0.98 5.32
C CYS A 206 1.31 -0.15 4.68
N VAL A 207 0.34 0.18 5.51
CA VAL A 207 -0.78 1.02 5.13
C VAL A 207 -0.83 2.25 6.02
N ILE A 208 -0.91 3.40 5.36
CA ILE A 208 -1.20 4.65 6.04
C ILE A 208 -2.52 5.20 5.49
N GLN A 209 -3.48 5.37 6.39
CA GLN A 209 -4.85 5.70 5.95
C GLN A 209 -5.10 7.20 5.89
N ARG A 210 -6.15 7.56 5.17
CA ARG A 210 -6.51 8.96 4.92
C ARG A 210 -6.40 9.85 6.15
N GLY A 211 -5.77 11.02 6.00
CA GLY A 211 -5.70 12.00 7.07
C GLY A 211 -4.54 11.82 8.05
N ARG A 213 -0.93 11.79 9.50
CA ARG A 213 0.35 12.41 9.17
C ARG A 213 1.51 11.42 9.35
N PHE A 214 2.50 11.45 8.44
CA PHE A 214 3.62 10.54 8.60
C PHE A 214 4.89 11.15 8.02
N SER A 215 6.00 10.67 8.54
CA SER A 215 7.30 11.10 8.03
C SER A 215 8.22 9.90 7.90
N ILE A 216 9.09 9.86 6.88
CA ILE A 216 9.86 8.66 6.59
C ILE A 216 11.37 8.95 6.60
N ASP A 217 12.09 8.15 7.37
CA ASP A 217 13.55 8.14 7.30
C ASP A 217 14.01 7.03 6.34
N VAL A 218 15.10 7.28 5.62
CA VAL A 218 15.66 6.26 4.75
C VAL A 218 17.17 6.15 5.03
N PHE A 219 17.78 5.14 4.44
CA PHE A 219 19.12 4.71 4.90
C PHE A 219 20.06 4.53 3.72
N GLU A 220 19.50 4.64 2.52
CA GLU A 220 20.24 4.45 1.29
C GLU A 220 19.42 5.01 0.12
N GLU A 221 19.93 4.86 -1.10
CA GLU A 221 19.11 5.11 -2.28
C GLU A 221 17.89 4.18 -2.28
N THR A 222 16.72 4.81 -2.21
CA THR A 222 15.49 4.08 -1.86
C THR A 222 14.48 4.09 -2.99
N ARG A 223 13.84 2.96 -3.24
CA ARG A 223 12.83 2.84 -4.28
C ARG A 223 11.69 1.92 -3.82
N GLY A 224 10.45 2.27 -4.16
CA GLY A 224 9.38 1.29 -3.89
C GLY A 224 8.09 1.69 -4.59
N TYR A 225 7.02 0.94 -4.29
CA TYR A 225 5.77 1.17 -5.02
C TYR A 225 4.68 1.61 -4.04
N ILE A 226 3.69 2.33 -4.54
CA ILE A 226 2.55 2.73 -3.69
C ILE A 226 1.24 2.53 -4.45
N LEU A 227 0.29 1.87 -3.80
CA LEU A 227 -1.08 1.84 -4.33
C LEU A 227 -1.94 2.78 -3.48
N GLU A 228 -2.50 3.80 -4.10
CA GLU A 228 -3.44 4.72 -3.48
C GLU A 228 -4.87 4.44 -3.94
N VAL A 229 -5.81 4.34 -2.99
CA VAL A 229 -7.21 4.19 -3.35
C VAL A 229 -8.01 5.37 -2.78
N TYR A 230 -8.89 5.96 -3.58
CA TYR A 230 -9.57 7.18 -3.15
C TYR A 230 -10.86 6.86 -2.40
N GLY A 231 -11.07 7.43 -1.21
CA GLY A 231 -12.40 7.39 -0.60
C GLY A 231 -12.77 6.04 -0.02
N VAL A 232 -11.81 5.17 0.21
CA VAL A 232 -12.12 3.80 0.65
C VAL A 232 -10.91 3.25 1.42
N HIS A 233 -11.12 2.25 2.26
CA HIS A 233 -10.04 1.60 2.98
C HIS A 233 -9.79 0.18 2.50
N PHE A 234 -8.60 -0.34 2.77
CA PHE A 234 -8.31 -1.74 2.50
C PHE A 234 -8.96 -2.64 3.55
N GLU A 235 -9.34 -3.83 3.14
CA GLU A 235 -9.86 -4.85 4.02
C GLU A 235 -9.23 -6.20 3.68
N LEU A 236 -9.44 -7.17 4.56
CA LEU A 236 -9.04 -8.55 4.23
C LEU A 236 -10.16 -9.15 3.39
N PRO A 237 -9.85 -10.04 2.47
CA PRO A 237 -10.90 -10.73 1.72
C PRO A 237 -11.63 -11.73 2.60
N ASP A 238 -12.93 -11.91 2.41
CA ASP A 238 -13.61 -13.03 3.05
C ASP A 238 -12.92 -14.32 2.60
N LEU A 239 -12.88 -15.34 3.45
CA LEU A 239 -12.11 -16.53 3.07
C LEU A 239 -12.94 -17.56 2.31
N GLY A 240 -14.26 -17.43 2.33
CA GLY A 240 -15.07 -18.46 1.63
C GLY A 240 -14.81 -19.83 2.27
N PRO A 241 -14.71 -20.88 1.47
CA PRO A 241 -14.46 -22.23 1.94
C PRO A 241 -13.13 -22.38 2.67
N ILE A 242 -12.20 -21.44 2.45
CA ILE A 242 -10.92 -21.55 3.18
C ILE A 242 -11.21 -21.45 4.68
N GLY A 243 -12.28 -20.75 5.05
CA GLY A 243 -12.84 -20.87 6.40
C GLY A 243 -12.37 -19.80 7.36
N ALA A 244 -11.70 -20.20 8.45
CA ALA A 244 -11.49 -19.28 9.57
C ALA A 244 -10.02 -18.91 9.73
N ASN A 245 -9.16 -19.51 8.91
CA ASN A 245 -7.73 -19.29 9.02
C ASN A 245 -7.08 -19.40 7.64
N GLY A 246 -5.95 -18.73 7.42
CA GLY A 246 -5.29 -18.89 6.11
C GLY A 246 -5.13 -17.55 5.38
N LEU A 247 -4.46 -17.57 4.22
CA LEU A 247 -4.01 -16.35 3.58
C LEU A 247 -3.38 -15.38 4.56
N ALA A 248 -3.81 -14.12 4.61
CA ALA A 248 -3.15 -13.20 5.54
C ALA A 248 -3.87 -13.25 6.89
N ASN A 249 -3.28 -13.95 7.86
CA ASN A 249 -3.90 -14.09 9.18
C ASN A 249 -3.90 -12.74 9.89
N PRO A 250 -5.01 -12.40 10.53
CA PRO A 250 -5.19 -11.12 11.17
C PRO A 250 -4.13 -10.80 12.23
N ARG A 251 -3.68 -11.79 12.96
CA ARG A 251 -2.66 -11.63 13.99
C ARG A 251 -1.34 -11.12 13.42
N ASP A 252 -1.10 -11.31 12.11
CA ASP A 252 0.18 -10.91 11.54
C ASP A 252 0.23 -9.44 11.15
N PHE A 253 -0.91 -8.75 11.25
CA PHE A 253 -0.89 -7.32 10.98
C PHE A 253 -0.47 -6.56 12.24
N LEU A 254 0.58 -5.76 12.10
CA LEU A 254 1.22 -5.15 13.26
C LEU A 254 0.99 -3.65 13.27
N ILE A 255 0.66 -3.11 14.44
CA ILE A 255 0.28 -1.71 14.59
C ILE A 255 1.31 -1.08 15.53
N PRO A 256 1.72 0.14 15.24
CA PRO A 256 2.69 0.84 16.07
C PRO A 256 2.17 1.05 17.49
N ILE A 257 3.09 1.05 18.45
CA ILE A 257 2.74 1.44 19.81
C ILE A 257 2.96 2.93 20.01
N ALA A 258 2.15 3.52 20.89
CA ALA A 258 2.19 4.96 21.12
C ALA A 258 3.62 5.44 21.42
N TRP A 259 3.99 6.55 20.80
CA TRP A 259 5.28 7.19 20.96
C TRP A 259 5.10 8.67 20.69
N TYR A 260 5.68 9.54 21.52
CA TYR A 260 5.56 10.96 21.27
C TYR A 260 6.95 11.62 21.31
N GLU A 261 7.00 12.79 20.71
CA GLU A 261 8.09 13.73 20.97
C GLU A 261 7.42 15.08 21.23
N ASP A 262 7.94 15.81 22.21
CA ASP A 262 7.44 17.15 22.49
C ASP A 262 8.53 18.12 22.01
N ARG A 263 8.50 18.47 20.73
CA ARG A 263 9.70 19.02 20.08
C ARG A 263 9.32 20.29 19.32
N GLN A 264 9.75 21.43 19.84
CA GLN A 264 9.55 22.70 19.15
C GLN A 264 10.56 22.80 18.01
N VAL A 265 10.16 23.41 16.90
CA VAL A 265 10.98 23.36 15.70
C VAL A 265 11.24 24.79 15.23
N PRO A 266 12.45 25.28 15.47
CA PRO A 266 12.83 26.60 15.02
C PRO A 266 12.58 26.76 13.52
N GLY A 267 11.89 27.83 13.14
CA GLY A 267 11.63 28.06 11.71
C GLY A 267 10.38 27.32 11.25
N GLY A 268 9.83 26.43 12.07
CA GLY A 268 8.56 25.79 11.75
C GLY A 268 8.71 24.38 11.21
N TYR A 269 7.81 23.50 11.66
CA TYR A 269 7.68 22.17 11.08
C TYR A 269 6.68 22.24 9.93
N THR A 270 6.96 21.60 8.80
CA THR A 270 6.08 21.74 7.64
C THR A 270 5.18 20.51 7.49
N VAL A 271 3.88 20.76 7.39
CA VAL A 271 2.92 19.69 7.14
C VAL A 271 2.51 19.76 5.67
N ILE A 272 2.76 18.70 4.92
CA ILE A 272 2.41 18.68 3.50
C ILE A 272 1.09 17.91 3.34
N ASN A 273 0.17 18.49 2.60
CA ASN A 273 -1.18 17.91 2.49
C ASN A 273 -1.50 17.68 1.02
N LYS A 274 -1.80 16.44 0.65
CA LYS A 274 -2.33 16.17 -0.69
C LYS A 274 -3.86 16.25 -0.60
N TYR A 275 -4.43 17.22 -1.29
CA TYR A 275 -5.84 17.55 -1.16
C TYR A 275 -6.40 17.72 -2.57
N GLN A 276 -7.35 16.88 -2.98
CA GLN A 276 -7.80 16.86 -4.39
C GLN A 276 -6.63 16.70 -5.34
N GLY A 277 -5.62 15.91 -4.97
CA GLY A 277 -4.52 15.59 -5.88
C GLY A 277 -3.46 16.70 -5.90
N LYS A 278 -3.74 17.84 -5.27
CA LYS A 278 -2.77 18.93 -5.23
C LYS A 278 -2.04 18.96 -3.89
N LEU A 279 -0.84 19.56 -3.89
CA LEU A 279 -0.03 19.61 -2.68
C LEU A 279 -0.04 21.00 -2.05
N PHE A 280 -0.08 21.02 -0.72
CA PHE A 280 -0.14 22.26 0.04
C PHE A 280 0.76 22.14 1.25
N ALA A 281 1.27 23.27 1.76
CA ALA A 281 2.18 23.20 2.90
C ALA A 281 1.74 24.18 3.98
N ALA A 282 1.69 23.68 5.22
CA ALA A 282 1.39 24.56 6.35
C ALA A 282 2.46 24.41 7.41
N LYS A 283 2.86 25.52 8.03
CA LYS A 283 3.86 25.46 9.10
C LYS A 283 3.22 25.45 10.47
N GLN A 284 3.82 24.70 11.39
CA GLN A 284 3.42 24.76 12.80
C GLN A 284 4.65 24.77 13.70
N ASP A 285 4.47 25.07 14.98
CA ASP A 285 5.55 25.29 15.93
C ASP A 285 6.25 24.01 16.39
N VAL A 286 5.52 22.90 16.41
CA VAL A 286 6.01 21.66 17.00
C VAL A 286 5.84 20.49 16.03
N SER A 287 6.55 19.41 16.28
CA SER A 287 6.31 18.15 15.58
C SER A 287 4.88 17.66 15.83
N PRO A 288 4.25 17.10 14.81
CA PRO A 288 2.90 16.58 14.91
C PRO A 288 2.83 15.26 15.65
N PHE A 289 4.00 14.68 15.92
CA PHE A 289 4.05 13.38 16.56
C PHE A 289 4.11 13.55 18.09
N ASN A 290 3.08 14.19 18.62
CA ASN A 290 3.01 14.52 20.04
C ASN A 290 1.79 13.86 20.70
N VAL A 291 1.44 12.67 20.20
CA VAL A 291 0.36 11.89 20.79
C VAL A 291 0.90 10.94 21.86
N VAL A 292 0.55 11.20 23.11
CA VAL A 292 1.10 10.43 24.23
C VAL A 292 0.37 9.10 24.39
N ALA A 293 -0.93 9.09 24.06
CA ALA A 293 -1.71 7.87 24.14
C ALA A 293 -2.84 7.93 23.11
N TRP A 294 -3.32 6.77 22.69
CA TRP A 294 -4.38 6.75 21.68
C TRP A 294 -5.18 5.46 21.83
N HIS A 295 -6.45 5.52 21.39
CA HIS A 295 -7.20 4.27 21.30
C HIS A 295 -8.14 4.37 20.09
N GLY A 296 -8.46 3.20 19.56
CA GLY A 296 -9.43 3.18 18.45
C GLY A 296 -9.03 2.08 17.47
N ASN A 297 -9.74 2.08 16.34
CA ASN A 297 -9.57 0.99 15.38
C ASN A 297 -9.13 1.55 14.03
N TYR A 298 -8.73 2.82 14.02
CA TYR A 298 -8.29 3.45 12.77
C TYR A 298 -6.80 3.80 12.88
N THR A 299 -5.94 2.91 12.39
CA THR A 299 -4.50 3.10 12.61
C THR A 299 -3.68 2.71 11.38
N PRO A 300 -2.42 3.10 11.36
CA PRO A 300 -1.45 2.57 10.41
C PRO A 300 -1.17 1.12 10.78
N TYR A 301 -0.66 0.35 9.84
CA TYR A 301 -0.25 -1.02 10.14
C TYR A 301 0.75 -1.53 9.11
N LYS A 302 1.41 -2.63 9.48
CA LYS A 302 2.35 -3.26 8.56
C LYS A 302 2.10 -4.76 8.53
N TYR A 303 2.65 -5.41 7.52
CA TYR A 303 2.48 -6.86 7.37
C TYR A 303 3.70 -7.46 6.65
N ASN A 304 4.21 -8.57 7.16
CA ASN A 304 5.37 -9.22 6.52
C ASN A 304 4.85 -10.29 5.57
N LEU A 305 5.16 -10.16 4.28
CA LEU A 305 4.61 -11.09 3.30
C LEU A 305 5.06 -12.54 3.50
N LYS A 306 6.14 -12.75 4.24
CA LYS A 306 6.61 -14.12 4.47
C LYS A 306 5.55 -14.90 5.26
N ASN A 307 4.68 -14.21 5.99
CA ASN A 307 3.70 -14.92 6.81
C ASN A 307 2.47 -15.33 6.02
N PHE A 308 2.42 -15.04 4.73
CA PHE A 308 1.17 -15.37 3.99
C PHE A 308 0.94 -16.87 3.93
N VAL A 310 -0.19 -19.71 2.19
CA VAL A 310 -0.55 -19.88 0.78
C VAL A 310 -1.52 -21.02 0.58
N ILE A 311 -2.63 -20.75 -0.10
CA ILE A 311 -3.65 -21.73 -0.47
C ILE A 311 -3.59 -21.95 -1.99
N ASN A 312 -3.64 -23.21 -2.44
CA ASN A 312 -3.62 -23.51 -3.87
C ASN A 312 -4.01 -24.95 -4.19
N SER A 313 -3.91 -25.36 -5.47
CA SER A 313 -4.33 -26.73 -5.83
C SER A 313 -3.35 -27.78 -5.35
N VAL A 314 -3.89 -28.89 -4.85
CA VAL A 314 -3.08 -30.01 -4.38
C VAL A 314 -3.48 -31.33 -5.03
N ALA A 315 -4.17 -31.25 -6.17
CA ALA A 315 -4.47 -32.48 -6.91
C ALA A 315 -4.28 -32.24 -8.41
N PHE A 316 -5.03 -31.28 -8.95
CA PHE A 316 -4.92 -30.98 -10.39
C PHE A 316 -5.43 -29.58 -10.68
N ASP A 317 -5.22 -29.10 -11.90
CA ASP A 317 -5.72 -27.80 -12.34
C ASP A 317 -4.97 -26.64 -11.73
N HIS A 318 -5.28 -25.44 -12.24
CA HIS A 318 -4.51 -24.24 -11.92
C HIS A 318 -5.47 -23.23 -11.27
N ALA A 319 -5.22 -22.85 -10.04
CA ALA A 319 -6.17 -22.01 -9.29
C ALA A 319 -6.10 -20.57 -9.79
N ASP A 320 -7.23 -19.86 -9.78
CA ASP A 320 -7.23 -18.45 -10.12
C ASP A 320 -6.37 -17.65 -9.14
N PRO A 321 -5.63 -16.67 -9.64
CA PRO A 321 -4.70 -15.89 -8.84
C PRO A 321 -5.37 -15.01 -7.80
N SER A 322 -6.70 -14.93 -7.78
CA SER A 322 -7.39 -14.30 -6.65
C SER A 322 -7.09 -15.00 -5.33
N ILE A 323 -6.66 -16.25 -5.41
CA ILE A 323 -6.41 -17.07 -4.20
C ILE A 323 -5.22 -16.54 -3.41
N PHE A 324 -4.40 -15.70 -4.04
CA PHE A 324 -3.26 -15.06 -3.40
C PHE A 324 -3.54 -13.63 -2.92
N THR A 325 -4.80 -13.25 -2.76
CA THR A 325 -5.15 -11.87 -2.41
C THR A 325 -4.73 -11.57 -0.97
N VAL A 326 -4.01 -10.48 -0.77
CA VAL A 326 -3.61 -10.06 0.58
C VAL A 326 -4.58 -9.02 1.14
N LEU A 327 -4.83 -7.98 0.39
CA LEU A 327 -5.78 -6.92 0.76
C LEU A 327 -6.63 -6.52 -0.45
N THR A 328 -7.82 -6.00 -0.17
CA THR A 328 -8.72 -5.57 -1.23
C THR A 328 -9.44 -4.29 -0.81
N ALA A 329 -9.85 -3.47 -1.76
CA ALA A 329 -10.61 -2.26 -1.46
C ALA A 329 -11.85 -2.20 -2.38
N LYS A 330 -13.01 -1.96 -1.78
CA LYS A 330 -14.26 -2.01 -2.53
C LYS A 330 -14.44 -0.87 -3.52
N SER A 331 -15.11 -1.16 -4.65
CA SER A 331 -15.56 -0.09 -5.54
C SER A 331 -16.99 0.31 -5.18
N VAL A 332 -17.55 1.30 -5.85
CA VAL A 332 -18.96 1.66 -5.65
C VAL A 332 -19.89 0.67 -6.32
N ARG A 333 -19.36 -0.26 -7.09
CA ARG A 333 -20.17 -1.37 -7.61
C ARG A 333 -20.03 -2.59 -6.72
N PRO A 334 -21.14 -3.13 -6.24
CA PRO A 334 -21.14 -4.22 -5.28
C PRO A 334 -20.41 -5.46 -5.73
N GLY A 335 -19.55 -6.02 -4.90
CA GLY A 335 -18.86 -7.26 -5.21
C GLY A 335 -17.59 -7.02 -6.02
N VAL A 336 -17.47 -5.79 -6.52
CA VAL A 336 -16.36 -5.46 -7.41
C VAL A 336 -15.33 -4.60 -6.66
N ALA A 337 -14.09 -5.06 -6.56
CA ALA A 337 -13.04 -4.29 -5.91
C ALA A 337 -12.56 -3.17 -6.82
N ILE A 338 -12.25 -2.00 -6.28
CA ILE A 338 -11.56 -0.98 -7.07
C ILE A 338 -10.10 -1.40 -7.26
N ALA A 339 -9.55 -2.09 -6.26
CA ALA A 339 -8.19 -2.60 -6.35
C ALA A 339 -8.02 -3.81 -5.44
N ASP A 340 -7.11 -4.71 -5.84
CA ASP A 340 -6.70 -5.81 -4.98
C ASP A 340 -5.17 -5.84 -4.95
N PHE A 341 -4.62 -6.27 -3.84
CA PHE A 341 -3.17 -6.49 -3.72
C PHE A 341 -2.91 -7.98 -3.62
N VAL A 342 -2.26 -8.52 -4.67
CA VAL A 342 -2.11 -9.97 -4.83
C VAL A 342 -0.61 -10.32 -4.86
N ILE A 343 -0.21 -11.39 -4.20
CA ILE A 343 1.24 -11.72 -4.24
C ILE A 343 1.47 -13.08 -4.88
N PHE A 344 2.71 -13.41 -5.26
CA PHE A 344 3.02 -14.72 -5.80
C PHE A 344 4.16 -15.35 -5.00
N PRO A 345 3.82 -15.91 -3.85
CA PRO A 345 4.79 -16.27 -2.83
C PRO A 345 5.44 -17.64 -3.01
N PRO A 346 6.57 -17.83 -2.36
CA PRO A 346 7.25 -19.13 -2.38
C PRO A 346 6.31 -20.22 -1.89
N ARG A 347 6.21 -21.32 -2.60
CA ARG A 347 5.24 -22.37 -2.30
C ARG A 347 5.63 -23.68 -2.96
N TRP A 348 4.90 -24.75 -2.64
CA TRP A 348 4.99 -25.98 -3.42
C TRP A 348 4.07 -25.91 -4.64
N GLY A 349 4.50 -26.41 -5.77
CA GLY A 349 3.57 -26.68 -6.88
C GLY A 349 3.45 -28.19 -7.10
N VAL A 350 2.23 -28.73 -7.09
CA VAL A 350 2.07 -30.18 -7.10
C VAL A 350 0.99 -30.71 -8.03
N ALA A 351 0.26 -29.85 -8.73
CA ALA A 351 -0.85 -30.32 -9.56
C ALA A 351 -0.36 -31.35 -10.58
N ASP A 352 -1.05 -32.48 -10.68
CA ASP A 352 -0.69 -33.52 -11.63
C ASP A 352 -1.56 -33.41 -12.88
N LYS A 353 -1.04 -33.91 -13.99
CA LYS A 353 -1.78 -33.86 -15.26
C LYS A 353 -2.31 -32.47 -15.53
N THR A 354 -1.47 -31.45 -15.36
CA THR A 354 -1.94 -30.07 -15.34
C THR A 354 -0.98 -29.11 -16.03
N PHE A 355 -1.43 -28.13 -16.78
CA PHE A 355 -0.54 -27.05 -17.21
C PHE A 355 -0.34 -26.11 -16.03
N ARG A 356 0.85 -26.17 -15.40
CA ARG A 356 1.09 -25.45 -14.17
C ARG A 356 1.28 -23.95 -14.28
N PRO A 357 1.87 -23.42 -15.33
CA PRO A 357 2.04 -21.98 -15.47
C PRO A 357 0.69 -21.29 -15.61
N PRO A 358 0.68 -19.97 -15.52
CA PRO A 358 -0.57 -19.22 -15.64
C PRO A 358 -1.23 -19.53 -16.96
N TYR A 359 -2.55 -19.68 -16.98
CA TYR A 359 -3.26 -20.06 -18.21
C TYR A 359 -3.37 -18.88 -19.15
N TYR A 360 -3.52 -19.10 -20.46
CA TYR A 360 -3.91 -18.02 -21.37
C TYR A 360 -5.18 -17.35 -20.87
N HIS A 361 -5.29 -16.02 -21.00
CA HIS A 361 -6.30 -15.32 -20.20
C HIS A 361 -6.67 -13.99 -20.81
N ARG A 362 -7.97 -13.68 -20.81
CA ARG A 362 -8.43 -12.31 -21.05
C ARG A 362 -9.42 -11.96 -19.93
N ASN A 363 -9.26 -10.80 -19.31
CA ASN A 363 -10.13 -10.54 -18.14
C ASN A 363 -10.57 -9.09 -18.07
N CYS A 364 -11.48 -8.80 -17.14
CA CYS A 364 -12.07 -7.50 -16.90
C CYS A 364 -11.12 -6.49 -16.25
N SER A 366 -7.48 -4.37 -15.12
CA SER A 366 -6.17 -3.95 -15.59
C SER A 366 -5.16 -4.24 -14.48
N GLU A 367 -3.91 -4.47 -14.85
CA GLU A 367 -2.99 -5.13 -13.91
C GLU A 367 -1.64 -4.44 -13.96
N PHE A 368 -1.20 -3.93 -12.80
CA PHE A 368 0.19 -3.53 -12.64
C PHE A 368 0.94 -4.64 -11.92
N GLY A 370 4.64 -5.77 -10.20
CA GLY A 370 5.88 -5.26 -9.64
C GLY A 370 6.70 -6.45 -9.15
N LEU A 371 7.94 -6.20 -8.73
CA LEU A 371 8.80 -7.28 -8.26
C LEU A 371 9.66 -6.72 -7.12
N ILE A 372 9.47 -7.26 -5.92
CA ILE A 372 10.15 -6.71 -4.75
C ILE A 372 11.59 -7.19 -4.75
N ARG A 373 11.67 -8.46 -5.18
CA ARG A 373 12.94 -9.17 -5.12
C ARG A 373 12.92 -10.34 -6.08
N GLY A 382 10.34 -10.60 -16.95
CA GLY A 382 10.30 -9.60 -18.06
C GLY A 382 10.83 -8.25 -17.56
N PHE A 383 10.99 -8.16 -16.24
CA PHE A 383 11.58 -6.96 -15.64
C PHE A 383 12.32 -7.37 -14.37
N LEU A 384 13.26 -6.57 -13.92
CA LEU A 384 14.02 -6.84 -12.70
C LEU A 384 13.28 -6.24 -11.51
N PRO A 385 13.67 -6.61 -10.31
CA PRO A 385 13.12 -6.02 -9.09
C PRO A 385 13.13 -4.51 -9.18
N GLY A 386 12.03 -3.83 -8.89
CA GLY A 386 12.02 -2.38 -8.95
C GLY A 386 11.45 -1.84 -10.25
N GLY A 387 11.29 -2.68 -11.27
CA GLY A 387 10.62 -2.26 -12.50
C GLY A 387 9.14 -2.66 -12.42
N GLY A 388 8.51 -2.85 -13.58
CA GLY A 388 7.15 -3.36 -13.56
C GLY A 388 6.54 -3.46 -14.95
N SER A 389 5.26 -3.85 -14.99
CA SER A 389 4.55 -3.87 -16.26
C SER A 389 3.09 -3.51 -16.01
N LEU A 390 2.45 -2.98 -17.06
CA LEU A 390 1.04 -2.65 -17.00
C LEU A 390 0.29 -3.33 -18.14
N HIS A 391 -0.69 -4.16 -17.77
CA HIS A 391 -1.48 -4.86 -18.77
C HIS A 391 -2.92 -4.32 -18.76
N SER A 392 -3.47 -4.08 -19.94
CA SER A 392 -4.75 -3.36 -20.03
C SER A 392 -5.92 -4.31 -20.11
N THR A 393 -7.10 -3.77 -19.82
CA THR A 393 -8.35 -4.48 -19.76
C THR A 393 -8.61 -5.31 -21.03
N THR A 395 -7.04 -7.26 -22.79
CA THR A 395 -5.96 -7.63 -23.72
C THR A 395 -5.47 -9.04 -23.41
N PRO A 396 -5.27 -9.89 -24.41
CA PRO A 396 -4.87 -11.25 -24.17
C PRO A 396 -3.52 -11.34 -23.47
N HIS A 397 -3.35 -12.32 -22.58
CA HIS A 397 -1.97 -12.60 -22.13
C HIS A 397 -1.80 -14.10 -21.93
N GLY A 398 -0.58 -14.53 -21.60
CA GLY A 398 -0.34 -15.95 -21.32
C GLY A 398 1.14 -16.25 -21.54
N PRO A 399 1.52 -17.49 -21.33
CA PRO A 399 2.91 -17.91 -21.40
C PRO A 399 3.54 -17.70 -22.77
N ASP A 400 4.82 -17.35 -22.80
CA ASP A 400 5.56 -17.33 -24.07
C ASP A 400 5.76 -18.74 -24.61
N ALA A 401 6.23 -18.82 -25.85
CA ALA A 401 6.39 -20.11 -26.51
C ALA A 401 7.31 -21.02 -25.71
N ASP A 402 8.44 -20.52 -25.23
CA ASP A 402 9.36 -21.38 -24.48
C ASP A 402 8.73 -21.96 -23.21
N CYS A 403 8.07 -21.10 -22.43
CA CYS A 403 7.37 -21.57 -21.24
C CYS A 403 6.34 -22.64 -21.60
N PHE A 404 5.49 -22.38 -22.59
CA PHE A 404 4.48 -23.36 -22.99
C PHE A 404 5.10 -24.70 -23.28
N GLU A 405 6.16 -24.67 -24.09
CA GLU A 405 6.89 -25.86 -24.48
C GLU A 405 7.32 -26.71 -23.26
N LYS A 406 8.09 -26.08 -22.38
CA LYS A 406 8.65 -26.83 -21.25
C LYS A 406 7.51 -27.40 -20.40
N ALA A 407 6.51 -26.55 -20.11
CA ALA A 407 5.48 -26.98 -19.16
C ALA A 407 4.55 -28.01 -19.78
N SER A 408 4.43 -28.03 -21.10
CA SER A 408 3.62 -29.03 -21.77
C SER A 408 4.25 -30.44 -21.77
N LYS A 409 5.57 -30.51 -21.70
CA LYS A 409 6.26 -31.79 -21.86
C LYS A 409 6.89 -32.32 -20.58
N VAL A 410 7.09 -31.47 -19.56
CA VAL A 410 7.82 -31.92 -18.39
C VAL A 410 7.14 -33.12 -17.72
N LYS A 411 7.98 -33.98 -17.13
CA LYS A 411 7.46 -34.99 -16.22
C LYS A 411 7.05 -34.32 -14.91
N LEU A 412 5.77 -34.32 -14.53
CA LEU A 412 5.39 -33.55 -13.34
C LEU A 412 5.66 -34.21 -12.00
N ALA A 413 6.18 -33.43 -11.06
CA ALA A 413 6.47 -33.89 -9.70
C ALA A 413 6.42 -32.67 -8.78
N PRO A 414 6.21 -32.86 -7.49
CA PRO A 414 6.19 -31.74 -6.55
C PRO A 414 7.43 -30.87 -6.71
N GLU A 415 7.27 -29.56 -6.85
CA GLU A 415 8.41 -28.67 -6.97
C GLU A 415 8.24 -27.39 -6.15
N ARG A 416 9.36 -26.82 -5.75
CA ARG A 416 9.36 -25.50 -5.12
C ARG A 416 9.23 -24.41 -6.19
N ILE A 417 8.32 -23.46 -5.93
CA ILE A 417 8.04 -22.39 -6.86
C ILE A 417 8.33 -21.05 -6.18
N ALA A 418 9.04 -20.16 -6.86
CA ALA A 418 9.20 -18.77 -6.45
C ALA A 418 10.07 -18.59 -5.22
N ASP A 419 10.76 -19.61 -4.72
CA ASP A 419 11.73 -19.38 -3.64
C ASP A 419 12.71 -18.27 -4.03
N GLY A 420 13.01 -17.36 -3.10
CA GLY A 420 13.94 -16.28 -3.38
C GLY A 420 13.33 -15.11 -4.12
N THR A 421 12.02 -15.14 -4.37
CA THR A 421 11.38 -14.05 -5.13
C THR A 421 10.12 -13.56 -4.43
N ALA A 423 7.09 -11.48 -6.43
CA ALA A 423 6.35 -10.64 -7.36
C ALA A 423 4.98 -10.33 -6.75
N PHE A 424 4.37 -9.23 -7.20
CA PHE A 424 3.05 -8.85 -6.73
C PHE A 424 2.32 -8.18 -7.90
N PHE A 426 -0.98 -5.14 -8.37
CA PHE A 426 -2.10 -4.26 -8.07
C PHE A 426 -3.09 -4.32 -9.25
N GLU A 427 -4.25 -4.92 -9.02
CA GLU A 427 -5.20 -5.07 -10.13
C GLU A 427 -6.45 -4.24 -9.86
N SER A 428 -7.04 -3.70 -10.92
CA SER A 428 -8.15 -2.78 -10.76
C SER A 428 -9.30 -3.13 -11.70
N SER A 429 -10.50 -2.87 -11.25
CA SER A 429 -11.69 -2.96 -12.12
C SER A 429 -11.80 -1.76 -13.05
N LEU A 430 -11.01 -0.71 -12.84
CA LEU A 430 -10.94 0.39 -13.81
C LEU A 430 -9.78 0.18 -14.77
N SER A 431 -9.70 0.93 -15.85
CA SER A 431 -8.61 0.81 -16.83
C SER A 431 -7.47 1.75 -16.49
N LEU A 432 -6.43 1.25 -15.83
CA LEU A 432 -5.28 2.07 -15.43
C LEU A 432 -4.64 2.75 -16.64
N ALA A 433 -4.48 4.06 -16.59
CA ALA A 433 -3.92 4.82 -17.70
C ALA A 433 -2.59 5.43 -17.25
N VAL A 434 -1.57 5.32 -18.09
CA VAL A 434 -0.24 5.81 -17.74
C VAL A 434 -0.25 7.32 -17.68
N THR A 435 0.59 7.94 -16.85
CA THR A 435 0.76 9.38 -16.81
C THR A 435 1.77 9.80 -17.88
N LYS A 436 1.97 11.09 -18.09
CA LYS A 436 3.08 11.57 -18.91
C LYS A 436 4.43 11.07 -18.44
N TRP A 437 4.73 11.19 -17.14
CA TRP A 437 5.96 10.65 -16.58
C TRP A 437 6.08 9.15 -16.79
N GLY A 438 5.02 8.39 -16.56
CA GLY A 438 5.08 6.94 -16.70
C GLY A 438 5.42 6.51 -18.13
N LEU A 439 4.83 7.19 -19.09
CA LEU A 439 5.05 6.89 -20.50
C LEU A 439 6.52 7.11 -20.86
N LYS A 440 7.04 8.28 -20.47
CA LYS A 440 8.41 8.64 -20.74
C LYS A 440 9.39 7.66 -20.10
N ALA A 441 9.05 7.13 -18.93
CA ALA A 441 9.93 6.19 -18.25
C ALA A 441 9.88 4.78 -18.83
N SER A 442 8.82 4.43 -19.55
CA SER A 442 8.64 3.09 -20.06
C SER A 442 9.67 2.73 -21.14
N ARG A 443 9.90 1.43 -21.29
CA ARG A 443 10.76 0.95 -22.38
C ARG A 443 10.10 1.30 -23.72
N LEU A 456 4.38 -18.84 -30.66
CA LEU A 456 3.50 -20.03 -30.46
C LEU A 456 3.07 -20.64 -31.78
N LYS A 457 2.91 -21.96 -31.81
CA LYS A 457 2.45 -22.60 -33.04
C LYS A 457 1.24 -23.47 -32.76
N SER A 458 0.47 -23.73 -33.82
CA SER A 458 -0.57 -24.75 -33.76
C SER A 458 0.06 -26.12 -33.59
N HIS A 459 -0.50 -26.92 -32.70
CA HIS A 459 -0.14 -28.32 -32.54
C HIS A 459 -1.32 -29.23 -32.83
N PHE A 460 -2.42 -28.60 -33.19
CA PHE A 460 -3.71 -29.25 -33.38
C PHE A 460 -3.65 -30.47 -34.29
N THR A 461 -4.15 -31.58 -33.77
CA THR A 461 -4.29 -32.81 -34.55
C THR A 461 -5.76 -33.18 -34.60
N PRO A 462 -6.48 -32.68 -35.61
CA PRO A 462 -7.91 -32.83 -35.71
C PRO A 462 -8.39 -34.27 -35.69
N ASN A 463 -7.55 -35.21 -36.12
CA ASN A 463 -7.95 -36.61 -36.22
C ASN A 463 -7.54 -37.40 -34.99
N SER A 464 -6.93 -36.75 -33.99
CA SER A 464 -6.40 -37.50 -32.86
C SER A 464 -6.68 -36.79 -31.54
N ARG A 465 -7.72 -37.24 -30.85
CA ARG A 465 -8.12 -36.65 -29.58
C ARG A 465 -7.02 -36.85 -28.54
N ASN A 466 -6.53 -38.08 -28.46
CA ASN A 466 -5.55 -38.47 -27.46
C ASN A 466 -4.15 -38.60 -28.05
#